data_3NAO
#
_entry.id   3NAO
#
_cell.length_a   105.345
_cell.length_b   105.345
_cell.length_c   183.938
_cell.angle_alpha   90.00
_cell.angle_beta   90.00
_cell.angle_gamma   120.00
#
_symmetry.space_group_name_H-M   'H 3'
#
loop_
_entity.id
_entity.type
_entity.pdbx_description
1 polymer "DNA (5'-D(*GP*AP*GP*CP*AP*GP*CP*CP*TP*GP*TP*AP*CP*GP*GP*AP*CP*AP*TP*CP*A)-3')"
2 polymer "DNA (5'-D(P*CP*CP*GP*TP*AP*CP*A)-3')"
3 polymer "DNA (5'-D(P*GP*GP*CP*TP*GP*C)-3')"
4 polymer "DNA (5'-D(*CP*TP*TP*GP*AP*TP*GP*T)-3')"
5 polymer "DNA (5'-D(*AP*GP*CP*CP*TP*AP*CP*CP*TP*GP*CP*GP*TP*GP*GP*AP*CP*AP*GP*AP*C)-3')"
6 polymer "DNA (5'-D(P*CP*CP*AP*CP*GP*CP*A)-3')"
7 polymer "DNA (5'-D(P*GP*GP*TP*AP*GP*G)-3')"
8 polymer "DNA (5'-D(*TP*CP*GP*TP*CP*TP*GP*T)-3')"
#
loop_
_entity_poly.entity_id
_entity_poly.type
_entity_poly.pdbx_seq_one_letter_code
_entity_poly.pdbx_strand_id
1 'polydeoxyribonucleotide'
;(DG)(DA)(DG)(DC)(DA)(DG)(DC)(DC)(DT)(DG)(DT)(DA)(DC)(DG)(DG)(DA)(DC)(DA)(DT)(DC)
(DA)
;
A
2 'polydeoxyribonucleotide' (DC)(DC)(DG)(DT)(DA)(DC)(DA) B
3 'polydeoxyribonucleotide' (DG)(DG)(DC)(DT)(DG)(DC) C
4 'polydeoxyribonucleotide' (DC)(DT)(DT)(DG)(DA)(DT)(DG)(DT) D
5 'polydeoxyribonucleotide'
;(DA)(DG)(DC)(DC)(DT)(DA)(DC)(DC)(DT)(DG)(DC)(DG)(DT)(DG)(DG)(DA)(DC)(DA)(DG)(DA)
(DC)
;
E
6 'polydeoxyribonucleotide' (DC)(DC)(DA)(DC)(DG)(DC)(DA) F
7 'polydeoxyribonucleotide' (DG)(DG)(DT)(DA)(DG)(DG) G
8 'polydeoxyribonucleotide' (DT)(DC)(DG)(DT)(DC)(DT)(DG)(DT) H
#
loop_
_chem_comp.id
_chem_comp.type
_chem_comp.name
_chem_comp.formula
DA DNA linking 2'-DEOXYADENOSINE-5'-MONOPHOSPHATE 'C10 H14 N5 O6 P'
DC DNA linking 2'-DEOXYCYTIDINE-5'-MONOPHOSPHATE 'C9 H14 N3 O7 P'
DG DNA linking 2'-DEOXYGUANOSINE-5'-MONOPHOSPHATE 'C10 H14 N5 O7 P'
DT DNA linking THYMIDINE-5'-MONOPHOSPHATE 'C10 H15 N2 O8 P'
#